data_3QKD
#
_entry.id   3QKD
#
_cell.length_a   65.598
_cell.length_b   74.484
_cell.length_c   87.828
_cell.angle_alpha   90.00
_cell.angle_beta   90.00
_cell.angle_gamma   90.00
#
_symmetry.space_group_name_H-M   'P 21 21 21'
#
loop_
_entity.id
_entity.type
_entity.pdbx_description
1 polymer 'Bcl-2-like protein 1'
2 non-polymer "(R)-N-(7-(4-((4'-chlorobiphenyl-2-yl)methyl)piperazin-1-yl)quinazolin-4-yl)-4-(4-(dimethylamino)-1-(phenylthio)butan-2-ylamino)-3-nitrobenzenesulfonamide"
3 non-polymer 'CHLORIDE ION'
4 non-polymer GLYCEROL
5 water water
#
_entity_poly.entity_id   1
_entity_poly.type   'polypeptide(L)'
_entity_poly.pdbx_seq_one_letter_code
;MSMAMSQSNRELVVDFLSYKLSQKGYSWSQFSDVEENRTEAPEGTESEAVKQALREAGDEFELRYRRAFSDLTSQLHITP
GTAYQSFEQVVNELFRDGVNWGRIVAFFSFGGALCVESVDKEMQVLVSRIAAWMATYLNDHLEPWIQENGGWDTFVELYG
NNAAAESRKGQERLEHHHHHH
;
_entity_poly.pdbx_strand_id   A,B
#
# COMPACT_ATOMS: atom_id res chain seq x y z
N SER A 8 -1.03 4.86 11.08
CA SER A 8 0.07 5.63 11.76
C SER A 8 1.02 6.27 10.74
N ASN A 9 1.77 5.46 10.00
CA ASN A 9 2.40 5.93 8.76
C ASN A 9 1.34 6.38 7.77
N ARG A 10 0.29 5.56 7.67
CA ARG A 10 -0.94 5.90 6.96
C ARG A 10 -1.49 7.25 7.39
N GLU A 11 -1.60 7.42 8.71
CA GLU A 11 -2.12 8.64 9.32
C GLU A 11 -1.30 9.86 8.88
N LEU A 12 0.02 9.73 8.93
CA LEU A 12 0.94 10.80 8.54
C LEU A 12 0.79 11.17 7.07
N VAL A 13 0.74 10.15 6.21
CA VAL A 13 0.57 10.34 4.77
C VAL A 13 -0.74 11.08 4.45
N VAL A 14 -1.83 10.61 5.03
CA VAL A 14 -3.14 11.21 4.75
C VAL A 14 -3.16 12.65 5.26
N ASP A 15 -2.63 12.89 6.46
CA ASP A 15 -2.58 14.24 7.02
C ASP A 15 -1.84 15.19 6.07
N PHE A 16 -0.63 14.80 5.68
CA PHE A 16 0.23 15.68 4.89
C PHE A 16 -0.34 15.93 3.50
N LEU A 17 -0.85 14.88 2.86
CA LEU A 17 -1.44 15.01 1.53
C LEU A 17 -2.71 15.86 1.58
N SER A 18 -3.50 15.68 2.64
CA SER A 18 -4.71 16.49 2.84
C SER A 18 -4.37 17.97 2.91
N TYR A 19 -3.37 18.29 3.72
CA TYR A 19 -2.85 19.64 3.88
C TYR A 19 -2.39 20.25 2.56
N LYS A 20 -1.55 19.54 1.81
CA LYS A 20 -1.03 20.05 0.55
C LYS A 20 -2.14 20.26 -0.48
N LEU A 21 -3.06 19.30 -0.57
CA LEU A 21 -4.22 19.44 -1.44
C LEU A 21 -5.09 20.64 -1.03
N SER A 22 -5.30 20.83 0.28
CA SER A 22 -6.14 21.95 0.75
C SER A 22 -5.53 23.31 0.39
N GLN A 23 -4.21 23.41 0.47
CA GLN A 23 -3.48 24.63 0.09
C GLN A 23 -3.71 25.04 -1.37
N LYS A 24 -4.02 24.06 -2.21
CA LYS A 24 -4.37 24.33 -3.61
C LYS A 24 -5.89 24.37 -3.82
N GLY A 25 -6.67 24.27 -2.73
CA GLY A 25 -8.12 24.32 -2.82
C GLY A 25 -8.82 23.03 -3.22
N TYR A 26 -8.13 21.90 -3.01
CA TYR A 26 -8.67 20.56 -3.26
C TYR A 26 -8.92 19.84 -1.94
N SER A 27 -9.93 18.99 -1.89
CA SER A 27 -10.23 18.26 -0.65
C SER A 27 -9.85 16.78 -0.76
N TRP A 28 -9.13 16.26 0.24
CA TRP A 28 -8.77 14.84 0.29
C TRP A 28 -10.02 13.94 0.19
N SER A 29 -11.09 14.34 0.87
CA SER A 29 -12.34 13.58 0.90
C SER A 29 -12.98 13.36 -0.47
N GLN A 30 -12.80 14.30 -1.41
CA GLN A 30 -13.35 14.10 -2.76
C GLN A 30 -12.56 13.06 -3.59
N PHE A 31 -11.36 12.70 -3.11
CA PHE A 31 -10.51 11.73 -3.83
C PHE A 31 -10.37 10.40 -3.12
N SER A 32 -10.87 10.33 -1.89
CA SER A 32 -10.85 9.11 -1.09
C SER A 32 -12.16 8.95 -0.33
N SER A 47 0.97 12.23 18.34
CA SER A 47 0.68 12.10 16.91
C SER A 47 0.43 13.47 16.26
N GLU A 48 -0.28 14.35 16.96
CA GLU A 48 -0.60 15.68 16.43
C GLU A 48 0.65 16.52 16.28
N ALA A 49 1.57 16.40 17.24
CA ALA A 49 2.81 17.16 17.21
C ALA A 49 3.67 16.76 16.01
N VAL A 50 3.70 15.45 15.72
CA VAL A 50 4.42 14.91 14.57
C VAL A 50 3.82 15.48 13.28
N LYS A 51 2.51 15.36 13.13
CA LYS A 51 1.80 15.86 11.95
C LYS A 51 2.03 17.36 11.74
N GLN A 52 1.92 18.15 12.80
CA GLN A 52 2.16 19.60 12.70
C GLN A 52 3.61 19.91 12.31
N ALA A 53 4.57 19.26 12.96
CA ALA A 53 5.99 19.49 12.62
C ALA A 53 6.30 19.11 11.17
N LEU A 54 5.66 18.05 10.68
CA LEU A 54 5.84 17.59 9.30
C LEU A 54 5.21 18.54 8.27
N ARG A 55 3.98 18.99 8.53
CA ARG A 55 3.30 20.03 7.74
C ARG A 55 4.19 21.28 7.59
N GLU A 56 4.71 21.75 8.71
CA GLU A 56 5.54 22.94 8.78
C GLU A 56 6.91 22.76 8.09
N ALA A 57 7.57 21.62 8.31
CA ALA A 57 8.83 21.32 7.61
C ALA A 57 8.65 21.28 6.09
N GLY A 58 7.51 20.75 5.65
CA GLY A 58 7.14 20.69 4.24
C GLY A 58 6.96 22.06 3.61
N ASP A 59 6.21 22.95 4.27
CA ASP A 59 6.09 24.36 3.85
C ASP A 59 7.45 25.03 3.69
N GLU A 60 8.31 24.85 4.70
CA GLU A 60 9.66 25.45 4.71
C GLU A 60 10.57 24.86 3.62
N PHE A 61 10.60 23.53 3.51
CA PHE A 61 11.33 22.83 2.44
C PHE A 61 10.92 23.33 1.05
N GLU A 62 9.62 23.43 0.81
CA GLU A 62 9.09 23.82 -0.50
C GLU A 62 9.44 25.25 -0.89
N LEU A 63 9.66 26.11 0.09
CA LEU A 63 10.19 27.43 -0.11
C LEU A 63 11.68 27.43 -0.34
N ARG A 64 12.44 26.89 0.59
CA ARG A 64 13.90 26.84 0.46
C ARG A 64 14.40 26.15 -0.81
N TYR A 65 13.67 25.14 -1.26
CA TYR A 65 14.06 24.38 -2.45
C TYR A 65 12.99 24.46 -3.53
N ARG A 66 12.41 25.65 -3.68
CA ARG A 66 11.37 25.91 -4.69
C ARG A 66 11.83 25.69 -6.12
N ARG A 67 13.14 25.83 -6.34
CA ARG A 67 13.73 25.58 -7.65
C ARG A 67 13.67 24.08 -7.98
N ALA A 68 14.15 23.24 -7.06
CA ALA A 68 14.05 21.79 -7.17
C ALA A 68 12.58 21.38 -7.30
N PHE A 69 11.70 22.06 -6.56
CA PHE A 69 10.26 21.82 -6.63
C PHE A 69 9.72 22.09 -8.03
N SER A 70 10.00 23.26 -8.58
CA SER A 70 9.57 23.60 -9.95
C SER A 70 10.27 22.76 -11.02
N ASP A 71 11.53 22.40 -10.80
CA ASP A 71 12.26 21.53 -11.74
C ASP A 71 11.54 20.19 -11.90
N LEU A 72 11.09 19.63 -10.77
CA LEU A 72 10.35 18.38 -10.74
C LEU A 72 8.98 18.54 -11.41
N THR A 73 8.21 19.51 -10.93
CA THR A 73 6.84 19.72 -11.39
C THR A 73 6.75 19.95 -12.91
N SER A 74 7.71 20.69 -13.46
CA SER A 74 7.69 20.96 -14.88
C SER A 74 8.14 19.76 -15.72
N GLN A 75 8.78 18.78 -15.09
CA GLN A 75 9.23 17.57 -15.78
C GLN A 75 8.40 16.33 -15.51
N LEU A 76 7.39 16.45 -14.66
CA LEU A 76 6.44 15.36 -14.47
C LEU A 76 5.50 15.32 -15.66
N HIS A 77 5.49 14.18 -16.35
CA HIS A 77 4.41 13.88 -17.27
C HIS A 77 3.59 12.76 -16.67
N ILE A 78 2.52 13.13 -15.97
CA ILE A 78 1.74 12.14 -15.24
C ILE A 78 0.75 11.45 -16.17
N THR A 79 0.85 10.12 -16.22
CA THR A 79 -0.20 9.27 -16.79
C THR A 79 -0.40 8.09 -15.83
N PRO A 80 -1.60 7.49 -15.80
CA PRO A 80 -1.87 6.27 -15.05
C PRO A 80 -0.84 5.16 -15.30
N GLY A 81 -0.47 4.97 -16.56
CA GLY A 81 0.51 3.96 -16.96
C GLY A 81 1.96 4.21 -16.53
N THR A 82 2.32 5.45 -16.21
CA THR A 82 3.70 5.76 -15.81
C THR A 82 3.86 6.33 -14.41
N ALA A 83 2.75 6.56 -13.71
CA ALA A 83 2.80 7.26 -12.42
C ALA A 83 3.61 6.52 -11.36
N TYR A 84 3.43 5.20 -11.25
CA TYR A 84 4.22 4.45 -10.28
C TYR A 84 5.72 4.54 -10.63
N GLN A 85 6.02 4.39 -11.93
CA GLN A 85 7.40 4.47 -12.43
C GLN A 85 8.05 5.81 -12.04
N SER A 86 7.31 6.90 -12.23
CA SER A 86 7.78 8.25 -11.87
C SER A 86 8.01 8.41 -10.37
N PHE A 87 7.06 7.94 -9.57
CA PHE A 87 7.20 7.88 -8.12
C PHE A 87 8.48 7.14 -7.73
N GLU A 88 8.62 5.92 -8.23
CA GLU A 88 9.76 5.08 -7.87
C GLU A 88 11.12 5.66 -8.26
N GLN A 89 11.20 6.14 -9.50
CA GLN A 89 12.39 6.79 -10.07
CA GLN A 89 12.43 6.73 -10.01
C GLN A 89 12.86 7.92 -9.15
N VAL A 90 11.95 8.84 -8.83
CA VAL A 90 12.28 10.00 -8.03
C VAL A 90 12.65 9.61 -6.59
N VAL A 91 11.87 8.71 -5.98
CA VAL A 91 12.14 8.26 -4.60
C VAL A 91 13.46 7.49 -4.48
N ASN A 92 13.77 6.64 -5.45
CA ASN A 92 15.07 5.95 -5.42
C ASN A 92 16.24 6.96 -5.47
N GLU A 93 16.13 7.94 -6.35
CA GLU A 93 17.11 9.04 -6.43
C GLU A 93 17.24 9.81 -5.11
N LEU A 94 16.10 10.12 -4.49
CA LEU A 94 16.07 10.88 -3.26
C LEU A 94 16.88 10.23 -2.14
N PHE A 95 16.80 8.91 -2.04
CA PHE A 95 17.44 8.19 -0.94
C PHE A 95 18.67 7.39 -1.37
N ARG A 96 19.10 7.60 -2.61
N ARG A 96 19.15 7.65 -2.59
CA ARG A 96 20.29 6.96 -3.18
CA ARG A 96 20.28 6.94 -3.19
C ARG A 96 21.48 7.01 -2.22
C ARG A 96 21.58 7.06 -2.38
N ASP A 97 21.77 8.20 -1.71
CA ASP A 97 22.95 8.43 -0.87
C ASP A 97 22.70 8.34 0.63
N GLY A 98 21.58 7.72 1.02
CA GLY A 98 21.25 7.57 2.43
C GLY A 98 19.99 8.32 2.82
N VAL A 99 19.56 8.12 4.06
CA VAL A 99 18.35 8.72 4.59
C VAL A 99 18.73 9.75 5.65
N ASN A 100 18.05 10.89 5.64
CA ASN A 100 18.03 11.77 6.81
C ASN A 100 16.63 12.37 6.95
N TRP A 101 16.38 13.07 8.05
CA TRP A 101 15.06 13.67 8.30
C TRP A 101 14.61 14.64 7.18
N GLY A 102 15.52 15.50 6.72
CA GLY A 102 15.25 16.42 5.61
C GLY A 102 14.77 15.70 4.35
N ARG A 103 15.43 14.59 4.01
CA ARG A 103 15.06 13.80 2.84
C ARG A 103 13.68 13.14 3.01
N ILE A 104 13.34 12.74 4.23
CA ILE A 104 12.00 12.24 4.51
C ILE A 104 10.94 13.34 4.32
N VAL A 105 11.21 14.55 4.78
CA VAL A 105 10.32 15.68 4.53
C VAL A 105 10.12 15.87 3.02
N ALA A 106 11.22 15.83 2.27
CA ALA A 106 11.18 16.02 0.83
C ALA A 106 10.35 14.92 0.16
N PHE A 107 10.42 13.71 0.70
CA PHE A 107 9.63 12.57 0.22
C PHE A 107 8.12 12.86 0.35
N PHE A 108 7.71 13.37 1.50
CA PHE A 108 6.34 13.85 1.68
C PHE A 108 5.99 15.00 0.71
N SER A 109 6.84 16.01 0.61
CA SER A 109 6.60 17.13 -0.31
C SER A 109 6.49 16.64 -1.77
N PHE A 110 7.31 15.65 -2.13
CA PHE A 110 7.18 15.02 -3.44
C PHE A 110 5.82 14.34 -3.65
N GLY A 111 5.37 13.56 -2.67
CA GLY A 111 4.03 12.98 -2.68
C GLY A 111 2.93 14.03 -2.87
N GLY A 112 3.04 15.13 -2.13
CA GLY A 112 2.13 16.26 -2.26
C GLY A 112 2.12 16.86 -3.66
N ALA A 113 3.31 17.07 -4.23
CA ALA A 113 3.45 17.62 -5.58
C ALA A 113 2.86 16.68 -6.65
N LEU A 114 3.09 15.38 -6.49
CA LEU A 114 2.51 14.37 -7.37
C LEU A 114 0.96 14.34 -7.33
N CYS A 115 0.39 14.50 -6.13
CA CYS A 115 -1.07 14.49 -5.98
C CYS A 115 -1.70 15.75 -6.58
N VAL A 116 -1.14 16.91 -6.26
CA VAL A 116 -1.60 18.21 -6.79
C VAL A 116 -1.57 18.19 -8.32
N GLU A 117 -0.48 17.69 -8.87
CA GLU A 117 -0.28 17.59 -10.30
C GLU A 117 -1.26 16.60 -10.96
N SER A 118 -1.51 15.47 -10.30
CA SER A 118 -2.50 14.51 -10.78
C SER A 118 -3.89 15.14 -10.84
N VAL A 119 -4.25 15.93 -9.82
CA VAL A 119 -5.55 16.60 -9.82
C VAL A 119 -5.63 17.69 -10.91
N ASP A 120 -4.57 18.50 -11.04
CA ASP A 120 -4.45 19.48 -12.13
C ASP A 120 -4.74 18.83 -13.50
N LYS A 121 -4.19 17.63 -13.71
CA LYS A 121 -4.33 16.94 -14.99
C LYS A 121 -5.60 16.08 -15.10
N GLU A 122 -6.53 16.28 -14.17
CA GLU A 122 -7.76 15.49 -14.08
C GLU A 122 -7.49 13.97 -14.02
N MET A 123 -6.50 13.60 -13.21
CA MET A 123 -6.22 12.20 -12.89
C MET A 123 -6.29 12.07 -11.38
N GLN A 124 -7.39 12.60 -10.82
CA GLN A 124 -7.66 12.59 -9.39
C GLN A 124 -7.67 11.18 -8.82
N VAL A 125 -7.97 10.21 -9.68
CA VAL A 125 -7.99 8.78 -9.31
C VAL A 125 -6.66 8.29 -8.73
N LEU A 126 -5.57 8.94 -9.13
CA LEU A 126 -4.23 8.58 -8.67
C LEU A 126 -3.94 8.96 -7.22
N VAL A 127 -4.72 9.89 -6.66
CA VAL A 127 -4.41 10.47 -5.35
C VAL A 127 -4.36 9.39 -4.23
N SER A 128 -5.37 8.52 -4.20
CA SER A 128 -5.46 7.48 -3.19
C SER A 128 -4.36 6.43 -3.43
N ARG A 129 -3.99 6.25 -4.68
CA ARG A 129 -2.92 5.33 -5.08
C ARG A 129 -1.55 5.84 -4.66
N ILE A 130 -1.29 7.13 -4.91
CA ILE A 130 -0.05 7.77 -4.44
C ILE A 130 0.08 7.64 -2.93
N ALA A 131 -1.02 7.88 -2.21
CA ALA A 131 -1.00 7.75 -0.75
C ALA A 131 -0.58 6.35 -0.29
N ALA A 132 -1.12 5.35 -0.97
CA ALA A 132 -0.77 3.95 -0.71
C ALA A 132 0.70 3.63 -1.04
N TRP A 133 1.21 4.16 -2.16
CA TRP A 133 2.63 3.97 -2.52
C TRP A 133 3.55 4.57 -1.48
N MET A 134 3.21 5.76 -1.01
CA MET A 134 3.95 6.43 0.05
C MET A 134 4.00 5.62 1.35
N ALA A 135 2.84 5.13 1.80
CA ALA A 135 2.76 4.37 3.05
C ALA A 135 3.59 3.08 2.97
N THR A 136 3.54 2.41 1.82
CA THR A 136 4.30 1.20 1.55
C THR A 136 5.81 1.50 1.60
N TYR A 137 6.23 2.58 0.94
CA TYR A 137 7.63 2.98 1.00
C TYR A 137 8.09 3.28 2.43
N LEU A 138 7.29 4.01 3.19
CA LEU A 138 7.57 4.24 4.61
C LEU A 138 7.66 2.93 5.39
N ASN A 139 6.65 2.08 5.21
CA ASN A 139 6.55 0.81 5.96
C ASN A 139 7.69 -0.14 5.67
N ASP A 140 8.03 -0.28 4.39
CA ASP A 140 9.04 -1.27 3.96
C ASP A 140 10.46 -0.73 4.05
N HIS A 141 10.65 0.54 3.71
CA HIS A 141 12.01 1.01 3.44
C HIS A 141 12.53 2.09 4.38
N LEU A 142 11.63 2.91 4.93
CA LEU A 142 12.07 4.02 5.78
C LEU A 142 11.96 3.70 7.26
N GLU A 143 10.99 2.86 7.63
CA GLU A 143 10.76 2.47 9.03
C GLU A 143 12.01 2.00 9.81
N PRO A 144 12.82 1.08 9.24
CA PRO A 144 14.06 0.68 9.92
C PRO A 144 14.97 1.89 10.29
N TRP A 145 15.12 2.84 9.37
CA TRP A 145 15.92 4.05 9.64
C TRP A 145 15.25 4.93 10.69
N ILE A 146 13.95 5.14 10.55
CA ILE A 146 13.18 5.94 11.50
C ILE A 146 13.35 5.41 12.94
N GLN A 147 13.19 4.10 13.11
CA GLN A 147 13.32 3.45 14.41
C GLN A 147 14.74 3.50 14.98
N GLU A 148 15.73 3.28 14.12
CA GLU A 148 17.12 3.40 14.52
C GLU A 148 17.47 4.84 14.95
N ASN A 149 16.79 5.83 14.36
CA ASN A 149 17.11 7.23 14.60
C ASN A 149 16.17 7.95 15.56
N GLY A 150 15.56 7.20 16.47
CA GLY A 150 14.78 7.77 17.57
C GLY A 150 13.30 7.97 17.31
N GLY A 151 12.81 7.47 16.17
CA GLY A 151 11.38 7.60 15.84
C GLY A 151 10.95 9.02 15.53
N TRP A 152 9.67 9.18 15.22
CA TRP A 152 9.12 10.50 14.90
C TRP A 152 9.18 11.50 16.06
N ASP A 153 9.22 11.01 17.30
CA ASP A 153 9.37 11.89 18.45
C ASP A 153 10.68 12.66 18.39
N THR A 154 11.72 12.03 17.86
CA THR A 154 13.04 12.65 17.73
C THR A 154 13.04 13.71 16.62
N PHE A 155 12.31 13.45 15.55
CA PHE A 155 12.06 14.46 14.51
C PHE A 155 11.43 15.72 15.10
N VAL A 156 10.39 15.53 15.92
CA VAL A 156 9.73 16.65 16.58
C VAL A 156 10.74 17.43 17.46
N GLU A 157 11.46 16.68 18.29
CA GLU A 157 12.53 17.23 19.13
C GLU A 157 13.52 18.10 18.34
N LEU A 158 13.96 17.59 17.20
CA LEU A 158 14.97 18.27 16.37
C LEU A 158 14.42 19.38 15.49
N TYR A 159 13.22 19.20 14.92
CA TYR A 159 12.70 20.12 13.89
C TYR A 159 11.26 20.62 14.08
N GLY A 160 10.68 20.36 15.25
CA GLY A 160 9.37 20.91 15.62
C GLY A 160 9.49 22.35 16.09
N ASN A 161 8.42 23.12 15.90
CA ASN A 161 8.40 24.60 16.09
C ASN A 161 9.52 25.31 15.34
N SER B 6 -6.53 -6.04 16.44
CA SER B 6 -5.32 -5.34 15.93
C SER B 6 -4.55 -6.22 14.93
N GLN B 7 -4.04 -7.34 15.43
CA GLN B 7 -3.30 -8.31 14.61
C GLN B 7 -4.20 -9.49 14.22
N SER B 8 -5.51 -9.30 14.33
CA SER B 8 -6.50 -10.25 13.83
C SER B 8 -6.46 -10.30 12.31
N ASN B 9 -6.28 -9.14 11.68
CA ASN B 9 -6.14 -9.08 10.23
C ASN B 9 -4.89 -9.76 9.72
N ARG B 10 -3.77 -9.60 10.41
CA ARG B 10 -2.57 -10.34 10.01
C ARG B 10 -2.78 -11.85 10.12
N GLU B 11 -3.38 -12.28 11.23
CA GLU B 11 -3.65 -13.70 11.47
C GLU B 11 -4.46 -14.33 10.33
N LEU B 12 -5.47 -13.60 9.85
CA LEU B 12 -6.30 -14.04 8.73
C LEU B 12 -5.49 -14.22 7.47
N VAL B 13 -4.65 -13.22 7.18
CA VAL B 13 -3.73 -13.28 6.04
C VAL B 13 -2.83 -14.52 6.16
N VAL B 14 -2.18 -14.69 7.31
CA VAL B 14 -1.28 -15.83 7.48
C VAL B 14 -2.02 -17.16 7.32
N ASP B 15 -3.22 -17.25 7.90
CA ASP B 15 -4.00 -18.49 7.81
C ASP B 15 -4.33 -18.83 6.36
N PHE B 16 -4.91 -17.87 5.66
CA PHE B 16 -5.32 -18.08 4.27
C PHE B 16 -4.13 -18.43 3.38
N LEU B 17 -3.04 -17.67 3.52
CA LEU B 17 -1.85 -17.90 2.71
C LEU B 17 -1.23 -19.26 2.96
N SER B 18 -1.14 -19.65 4.23
CA SER B 18 -0.63 -20.97 4.63
CA SER B 18 -0.62 -20.96 4.60
C SER B 18 -1.47 -22.07 3.98
N TYR B 19 -2.79 -21.90 4.07
CA TYR B 19 -3.72 -22.85 3.45
C TYR B 19 -3.48 -22.95 1.94
N LYS B 20 -3.43 -21.82 1.25
CA LYS B 20 -3.27 -21.83 -0.21
C LYS B 20 -1.92 -22.37 -0.67
N LEU B 21 -0.88 -22.08 0.09
CA LEU B 21 0.45 -22.62 -0.19
C LEU B 21 0.46 -24.14 0.02
N SER B 22 -0.17 -24.56 1.11
CA SER B 22 -0.35 -25.97 1.47
C SER B 22 -0.95 -26.80 0.33
N GLN B 23 -1.96 -26.23 -0.34
CA GLN B 23 -2.65 -26.91 -1.44
C GLN B 23 -1.72 -27.18 -2.62
N LYS B 24 -0.66 -26.37 -2.74
CA LYS B 24 0.33 -26.56 -3.80
C LYS B 24 1.55 -27.34 -3.31
N GLY B 25 1.47 -27.84 -2.09
CA GLY B 25 2.55 -28.61 -1.48
C GLY B 25 3.69 -27.74 -0.95
N TYR B 26 3.39 -26.47 -0.64
CA TYR B 26 4.37 -25.56 -0.06
C TYR B 26 4.04 -25.31 1.41
N SER B 27 5.06 -25.02 2.20
CA SER B 27 4.86 -24.73 3.61
C SER B 27 5.17 -23.28 3.95
N TRP B 28 4.20 -22.60 4.56
CA TRP B 28 4.35 -21.21 5.02
C TRP B 28 5.64 -20.99 5.81
N SER B 29 5.89 -21.85 6.80
CA SER B 29 7.02 -21.71 7.72
C SER B 29 8.38 -21.63 7.01
N GLN B 30 8.45 -22.18 5.80
CA GLN B 30 9.68 -22.16 5.00
C GLN B 30 10.03 -20.77 4.45
N PHE B 31 9.04 -19.88 4.38
CA PHE B 31 9.23 -18.57 3.75
C PHE B 31 9.10 -17.41 4.73
N SER B 32 8.77 -17.74 5.98
CA SER B 32 8.50 -16.73 7.00
C SER B 32 9.02 -17.15 8.36
N ASP B 33 9.36 -16.17 9.18
CA ASP B 33 9.67 -16.41 10.60
C ASP B 33 8.38 -16.51 11.40
N SER B 47 -10.90 -15.97 15.49
CA SER B 47 -11.96 -16.97 15.49
C SER B 47 -11.77 -17.96 14.34
N GLU B 48 -11.73 -19.24 14.68
CA GLU B 48 -11.53 -20.32 13.73
C GLU B 48 -12.69 -20.46 12.71
N ALA B 49 -13.88 -20.00 13.11
CA ALA B 49 -15.04 -19.98 12.24
C ALA B 49 -14.86 -19.00 11.08
N VAL B 50 -14.27 -17.84 11.37
CA VAL B 50 -13.97 -16.82 10.34
C VAL B 50 -12.96 -17.37 9.34
N LYS B 51 -11.88 -17.97 9.85
CA LYS B 51 -10.82 -18.52 9.02
C LYS B 51 -11.33 -19.65 8.14
N GLN B 52 -12.09 -20.56 8.75
CA GLN B 52 -12.81 -21.62 8.04
C GLN B 52 -13.64 -21.10 6.89
N ALA B 53 -14.53 -20.16 7.18
CA ALA B 53 -15.42 -19.58 6.17
C ALA B 53 -14.64 -18.94 5.03
N LEU B 54 -13.55 -18.23 5.37
CA LEU B 54 -12.72 -17.57 4.36
C LEU B 54 -11.96 -18.56 3.48
N ARG B 55 -11.36 -19.58 4.10
CA ARG B 55 -10.68 -20.65 3.36
CA ARG B 55 -10.67 -20.64 3.35
C ARG B 55 -11.61 -21.29 2.34
N GLU B 56 -12.82 -21.60 2.78
CA GLU B 56 -13.80 -22.29 1.93
C GLU B 56 -14.35 -21.37 0.86
N ALA B 57 -14.61 -20.11 1.21
CA ALA B 57 -15.04 -19.12 0.24
C ALA B 57 -13.96 -18.89 -0.83
N GLY B 58 -12.69 -18.90 -0.40
CA GLY B 58 -11.55 -18.80 -1.30
C GLY B 58 -11.51 -19.94 -2.30
N ASP B 59 -11.63 -21.17 -1.82
CA ASP B 59 -11.69 -22.36 -2.70
C ASP B 59 -12.80 -22.22 -3.74
N GLU B 60 -13.99 -21.81 -3.31
CA GLU B 60 -15.12 -21.67 -4.23
C GLU B 60 -14.94 -20.59 -5.27
N PHE B 61 -14.51 -19.40 -4.82
CA PHE B 61 -14.21 -18.29 -5.72
C PHE B 61 -13.23 -18.75 -6.78
N GLU B 62 -12.19 -19.47 -6.35
CA GLU B 62 -11.10 -19.87 -7.25
C GLU B 62 -11.56 -20.87 -8.30
N LEU B 63 -12.46 -21.77 -7.94
CA LEU B 63 -13.06 -22.70 -8.92
C LEU B 63 -13.99 -21.95 -9.86
N ARG B 64 -14.86 -21.11 -9.29
CA ARG B 64 -15.80 -20.31 -10.08
C ARG B 64 -15.07 -19.38 -11.05
N TYR B 65 -14.03 -18.70 -10.57
CA TYR B 65 -13.31 -17.75 -11.40
C TYR B 65 -11.93 -18.25 -11.81
N ARG B 66 -11.88 -19.54 -12.15
CA ARG B 66 -10.67 -20.23 -12.56
C ARG B 66 -10.03 -19.64 -13.83
N ARG B 67 -10.86 -19.13 -14.73
CA ARG B 67 -10.37 -18.51 -15.96
C ARG B 67 -9.73 -17.15 -15.67
N ALA B 68 -10.42 -16.31 -14.89
CA ALA B 68 -9.85 -15.04 -14.40
C ALA B 68 -8.54 -15.28 -13.64
N PHE B 69 -8.52 -16.36 -12.85
CA PHE B 69 -7.34 -16.74 -12.06
C PHE B 69 -6.13 -16.93 -12.99
N SER B 70 -6.26 -17.79 -13.99
CA SER B 70 -5.12 -18.07 -14.88
C SER B 70 -4.81 -16.94 -15.86
N ASP B 71 -5.84 -16.20 -16.30
CA ASP B 71 -5.61 -14.98 -17.09
C ASP B 71 -4.68 -14.03 -16.34
N LEU B 72 -5.00 -13.80 -15.06
CA LEU B 72 -4.22 -12.91 -14.22
C LEU B 72 -2.80 -13.42 -14.02
N THR B 73 -2.66 -14.67 -13.58
CA THR B 73 -1.33 -15.23 -13.28
C THR B 73 -0.42 -15.23 -14.51
N SER B 74 -0.99 -15.48 -15.69
CA SER B 74 -0.20 -15.44 -16.93
C SER B 74 0.08 -14.02 -17.44
N GLN B 75 -0.72 -13.04 -17.01
CA GLN B 75 -0.49 -11.62 -17.28
C GLN B 75 0.56 -11.03 -16.33
N LEU B 76 0.69 -11.59 -15.15
CA LEU B 76 1.67 -11.17 -14.19
C LEU B 76 3.01 -11.63 -14.64
N HIS B 77 3.92 -10.72 -14.69
CA HIS B 77 5.33 -11.06 -14.90
CA HIS B 77 5.31 -11.10 -14.89
C HIS B 77 6.04 -10.75 -13.60
N ILE B 78 5.87 -11.63 -12.63
CA ILE B 78 6.33 -11.43 -11.27
C ILE B 78 7.86 -11.36 -11.20
N THR B 79 8.36 -10.23 -10.69
CA THR B 79 9.78 -10.06 -10.38
C THR B 79 9.83 -9.35 -9.02
N PRO B 80 10.95 -9.49 -8.27
CA PRO B 80 11.05 -8.78 -6.99
C PRO B 80 10.89 -7.25 -7.16
N GLY B 81 11.44 -6.73 -8.27
CA GLY B 81 11.37 -5.30 -8.57
C GLY B 81 9.97 -4.78 -8.89
N THR B 82 9.12 -5.62 -9.43
CA THR B 82 7.80 -5.20 -9.88
C THR B 82 6.65 -5.73 -9.03
N ALA B 83 6.96 -6.56 -8.03
CA ALA B 83 5.92 -7.23 -7.21
C ALA B 83 4.90 -6.28 -6.58
N TYR B 84 5.39 -5.25 -5.88
CA TYR B 84 4.48 -4.31 -5.22
C TYR B 84 3.61 -3.51 -6.21
N GLN B 85 4.23 -3.00 -7.27
CA GLN B 85 3.48 -2.31 -8.32
C GLN B 85 2.36 -3.21 -8.88
N SER B 86 2.69 -4.46 -9.17
CA SER B 86 1.68 -5.41 -9.66
C SER B 86 0.59 -5.66 -8.62
N PHE B 87 0.98 -5.80 -7.35
CA PHE B 87 0.03 -6.02 -6.27
C PHE B 87 -0.99 -4.85 -6.17
N GLU B 88 -0.47 -3.63 -6.05
CA GLU B 88 -1.32 -2.46 -5.83
C GLU B 88 -2.17 -2.17 -7.07
N GLN B 89 -1.60 -2.40 -8.25
CA GLN B 89 -2.31 -2.18 -9.53
C GLN B 89 -3.55 -3.08 -9.61
N VAL B 90 -3.40 -4.35 -9.20
CA VAL B 90 -4.50 -5.30 -9.24
C VAL B 90 -5.53 -5.01 -8.14
N VAL B 91 -5.05 -4.78 -6.92
CA VAL B 91 -5.94 -4.47 -5.80
C VAL B 91 -6.75 -3.18 -6.07
N ASN B 92 -6.10 -2.18 -6.66
CA ASN B 92 -6.82 -0.97 -7.09
C ASN B 92 -7.97 -1.22 -8.08
N GLU B 93 -7.71 -2.05 -9.09
CA GLU B 93 -8.76 -2.45 -10.04
C GLU B 93 -9.88 -3.21 -9.32
N LEU B 94 -9.50 -4.07 -8.38
CA LEU B 94 -10.45 -4.89 -7.64
C LEU B 94 -11.48 -4.08 -6.84
N PHE B 95 -11.05 -2.99 -6.21
CA PHE B 95 -11.94 -2.21 -5.34
C PHE B 95 -12.30 -0.84 -5.93
N ARG B 96 -11.99 -0.68 -7.21
CA ARG B 96 -12.31 0.48 -8.02
C ARG B 96 -13.74 1.01 -7.79
N ASP B 97 -14.72 0.11 -7.87
CA ASP B 97 -16.13 0.48 -7.75
C ASP B 97 -16.69 0.16 -6.37
N GLY B 98 -15.83 0.11 -5.36
CA GLY B 98 -16.25 -0.12 -3.99
C GLY B 98 -16.00 -1.52 -3.45
N VAL B 99 -16.35 -1.71 -2.19
CA VAL B 99 -16.12 -2.96 -1.48
C VAL B 99 -17.40 -3.79 -1.31
N ASN B 100 -17.27 -5.10 -1.49
CA ASN B 100 -18.25 -6.06 -1.00
C ASN B 100 -17.51 -7.28 -0.46
N TRP B 101 -18.25 -8.22 0.16
CA TRP B 101 -17.62 -9.40 0.72
C TRP B 101 -16.91 -10.26 -0.32
N GLY B 102 -17.50 -10.39 -1.50
CA GLY B 102 -16.93 -11.19 -2.57
C GLY B 102 -15.58 -10.67 -3.04
N ARG B 103 -15.47 -9.35 -3.21
CA ARG B 103 -14.23 -8.70 -3.62
C ARG B 103 -13.15 -8.88 -2.55
N ILE B 104 -13.56 -8.92 -1.29
CA ILE B 104 -12.64 -9.20 -0.19
C ILE B 104 -12.10 -10.63 -0.30
N VAL B 105 -12.97 -11.60 -0.58
CA VAL B 105 -12.51 -12.97 -0.80
C VAL B 105 -11.55 -13.02 -2.00
N ALA B 106 -11.91 -12.36 -3.09
CA ALA B 106 -11.08 -12.22 -4.29
C ALA B 106 -9.69 -11.65 -3.98
N PHE B 107 -9.67 -10.63 -3.12
CA PHE B 107 -8.43 -10.03 -2.61
C PHE B 107 -7.55 -11.07 -1.93
N PHE B 108 -8.15 -11.90 -1.08
CA PHE B 108 -7.39 -12.97 -0.44
C PHE B 108 -6.85 -13.97 -1.46
N SER B 109 -7.73 -14.37 -2.40
CA SER B 109 -7.36 -15.33 -3.43
C SER B 109 -6.26 -14.76 -4.34
N PHE B 110 -6.32 -13.46 -4.61
CA PHE B 110 -5.29 -12.84 -5.41
C PHE B 110 -3.92 -12.92 -4.73
N GLY B 111 -3.89 -12.64 -3.42
CA GLY B 111 -2.69 -12.77 -2.61
C GLY B 111 -2.13 -14.18 -2.59
N GLY B 112 -3.02 -15.18 -2.44
CA GLY B 112 -2.64 -16.60 -2.55
C GLY B 112 -2.04 -16.94 -3.90
N ALA B 113 -2.69 -16.48 -4.98
CA ALA B 113 -2.17 -16.67 -6.34
C ALA B 113 -0.76 -16.06 -6.52
N LEU B 114 -0.57 -14.86 -5.98
CA LEU B 114 0.70 -14.14 -6.06
C LEU B 114 1.83 -14.86 -5.29
N CYS B 115 1.50 -15.42 -4.13
CA CYS B 115 2.44 -16.17 -3.32
C CYS B 115 2.86 -17.47 -4.00
N VAL B 116 1.88 -18.22 -4.52
CA VAL B 116 2.15 -19.48 -5.19
C VAL B 116 3.01 -19.27 -6.43
N GLU B 117 2.62 -18.30 -7.27
CA GLU B 117 3.40 -17.88 -8.42
C GLU B 117 4.86 -17.52 -8.08
N SER B 118 5.05 -16.68 -7.05
CA SER B 118 6.39 -16.31 -6.55
C SER B 118 7.26 -17.52 -6.23
N VAL B 119 6.70 -18.46 -5.45
CA VAL B 119 7.38 -19.70 -5.15
C VAL B 119 7.68 -20.49 -6.44
N ASP B 120 6.67 -20.68 -7.29
CA ASP B 120 6.88 -21.34 -8.59
C ASP B 120 8.03 -20.72 -9.35
N LYS B 121 8.16 -19.40 -9.27
CA LYS B 121 9.16 -18.65 -10.04
C LYS B 121 10.47 -18.42 -9.26
N GLU B 122 10.64 -19.16 -8.16
CA GLU B 122 11.88 -19.17 -7.37
C GLU B 122 12.17 -17.83 -6.68
N MET B 123 11.10 -17.11 -6.33
CA MET B 123 11.20 -15.83 -5.64
C MET B 123 10.49 -15.96 -4.29
N GLN B 124 11.03 -16.84 -3.44
CA GLN B 124 10.44 -17.14 -2.14
C GLN B 124 10.36 -15.94 -1.20
N VAL B 125 11.30 -15.03 -1.36
CA VAL B 125 11.37 -13.84 -0.49
C VAL B 125 10.08 -12.97 -0.62
N LEU B 126 9.35 -13.13 -1.71
CA LEU B 126 8.14 -12.32 -1.93
C LEU B 126 6.93 -12.72 -1.08
N VAL B 127 6.91 -13.94 -0.58
CA VAL B 127 5.78 -14.47 0.20
C VAL B 127 5.51 -13.60 1.43
N SER B 128 6.50 -13.41 2.31
CA SER B 128 6.29 -12.58 3.48
C SER B 128 6.04 -11.12 3.10
N ARG B 129 6.67 -10.66 2.02
CA ARG B 129 6.44 -9.28 1.56
C ARG B 129 4.97 -9.07 1.17
N ILE B 130 4.41 -9.98 0.38
CA ILE B 130 3.00 -9.96 -0.03
C ILE B 130 2.08 -10.05 1.18
N ALA B 131 2.39 -10.94 2.12
CA ALA B 131 1.59 -11.07 3.34
C ALA B 131 1.48 -9.72 4.06
N ALA B 132 2.61 -9.01 4.15
CA ALA B 132 2.63 -7.68 4.79
C ALA B 132 1.80 -6.63 4.03
N TRP B 133 1.92 -6.62 2.70
CA TRP B 133 1.12 -5.71 1.87
C TRP B 133 -0.38 -6.00 2.03
N MET B 134 -0.72 -7.29 2.13
CA MET B 134 -2.12 -7.69 2.33
C MET B 134 -2.68 -7.20 3.66
N ALA B 135 -1.92 -7.42 4.74
CA ALA B 135 -2.33 -6.95 6.08
C ALA B 135 -2.51 -5.43 6.13
N THR B 136 -1.55 -4.69 5.58
CA THR B 136 -1.64 -3.24 5.48
C THR B 136 -2.91 -2.82 4.72
N TYR B 137 -3.20 -3.51 3.62
CA TYR B 137 -4.37 -3.18 2.84
C TYR B 137 -5.66 -3.42 3.64
N LEU B 138 -5.71 -4.54 4.38
CA LEU B 138 -6.85 -4.84 5.23
C LEU B 138 -7.08 -3.71 6.24
N ASN B 139 -6.03 -3.43 7.02
CA ASN B 139 -5.99 -2.34 8.00
C ASN B 139 -6.42 -0.97 7.48
N ASP B 140 -5.78 -0.52 6.40
CA ASP B 140 -5.93 0.86 5.93
C ASP B 140 -7.16 1.07 5.05
N HIS B 141 -7.54 0.06 4.28
CA HIS B 141 -8.53 0.26 3.22
C HIS B 141 -9.80 -0.59 3.31
N LEU B 142 -9.78 -1.60 4.16
CA LEU B 142 -10.86 -2.59 4.22
C LEU B 142 -11.56 -2.66 5.57
N GLU B 143 -10.77 -2.53 6.64
CA GLU B 143 -11.25 -2.61 8.02
C GLU B 143 -12.45 -1.69 8.35
N PRO B 144 -12.41 -0.40 7.91
CA PRO B 144 -13.60 0.44 8.11
C PRO B 144 -14.88 -0.19 7.53
N TRP B 145 -14.87 -0.52 6.23
CA TRP B 145 -16.01 -1.16 5.57
C TRP B 145 -16.45 -2.44 6.28
N ILE B 146 -15.48 -3.25 6.70
CA ILE B 146 -15.75 -4.49 7.43
C ILE B 146 -16.56 -4.22 8.72
N GLN B 147 -16.25 -3.10 9.37
CA GLN B 147 -16.93 -2.66 10.60
C GLN B 147 -18.30 -2.05 10.37
N GLU B 148 -18.47 -1.31 9.27
CA GLU B 148 -19.77 -0.79 8.87
C GLU B 148 -20.73 -1.90 8.44
N ASN B 149 -20.19 -2.98 7.88
CA ASN B 149 -21.01 -4.06 7.33
C ASN B 149 -21.06 -5.32 8.20
N GLY B 150 -20.88 -5.12 9.50
CA GLY B 150 -21.21 -6.14 10.48
C GLY B 150 -20.08 -7.00 10.99
N GLY B 151 -18.86 -6.68 10.61
CA GLY B 151 -17.69 -7.47 11.02
C GLY B 151 -17.60 -8.80 10.28
N TRP B 152 -16.57 -9.57 10.61
CA TRP B 152 -16.36 -10.87 9.97
C TRP B 152 -17.40 -11.92 10.39
N ASP B 153 -18.08 -11.67 11.50
CA ASP B 153 -19.17 -12.53 11.99
C ASP B 153 -20.31 -12.57 11.00
N THR B 154 -20.61 -11.41 10.41
CA THR B 154 -21.66 -11.28 9.39
C THR B 154 -21.25 -11.97 8.09
N PHE B 155 -19.94 -11.97 7.78
CA PHE B 155 -19.42 -12.77 6.67
C PHE B 155 -19.70 -14.26 6.90
N VAL B 156 -19.35 -14.76 8.09
CA VAL B 156 -19.57 -16.18 8.45
C VAL B 156 -21.06 -16.52 8.40
N GLU B 157 -21.89 -15.59 8.89
CA GLU B 157 -23.34 -15.72 8.89
C GLU B 157 -23.86 -15.85 7.46
N LEU B 158 -23.40 -14.98 6.57
CA LEU B 158 -23.87 -14.92 5.19
C LEU B 158 -23.30 -16.01 4.26
N TYR B 159 -22.03 -16.36 4.45
CA TYR B 159 -21.32 -17.18 3.48
C TYR B 159 -20.55 -18.34 4.09
N GLY B 160 -20.75 -18.59 5.38
CA GLY B 160 -20.07 -19.69 6.08
C GLY B 160 -20.97 -20.91 6.20
#